data_7HH6
#
_entry.id   7HH6
#
_cell.length_a   41.700
_cell.length_b   42.180
_cell.length_c   159.110
_cell.angle_alpha   90.00
_cell.angle_beta   90.00
_cell.angle_gamma   90.00
#
_symmetry.space_group_name_H-M   'P 21 21 21'
#
loop_
_entity.id
_entity.type
_entity.pdbx_description
1 polymer 'Hepatoma-derived growth factor-related protein 2'
2 non-polymer 'SULFATE ION'
3 non-polymer 1,2-ETHANEDIOL
4 non-polymer 2-[methyl(pyridin-2-yl)amino]ethan-1-ol
5 water water
#
_entity_poly.entity_id   1
_entity_poly.type   'polypeptide(L)'
_entity_poly.pdbx_seq_one_letter_code
;GMPHAFKPGDLVFAKMKGYPHWPARIDDIADGAVKPPPNKYPIFFFGTHETAFLGPKDLFPYDKSKDKYGKPNKRKGFNE
GLWEIQNNPHASYS
;
_entity_poly.pdbx_strand_id   A,B,C
#
loop_
_chem_comp.id
_chem_comp.type
_chem_comp.name
_chem_comp.formula
EDO non-polymer 1,2-ETHANEDIOL 'C2 H6 O2'
SO4 non-polymer 'SULFATE ION' 'O4 S -2'
UUY non-polymer 2-[methyl(pyridin-2-yl)amino]ethan-1-ol 'C8 H12 N2 O'
#
# COMPACT_ATOMS: atom_id res chain seq x y z
N MET A 2 23.39 13.96 8.04
CA MET A 2 22.32 14.53 8.91
C MET A 2 20.93 14.30 8.30
N PRO A 3 19.89 14.17 9.15
CA PRO A 3 18.50 13.99 8.70
C PRO A 3 17.94 15.07 7.76
N HIS A 4 17.11 14.64 6.80
CA HIS A 4 16.34 15.62 6.05
C HIS A 4 14.93 15.63 6.65
N ALA A 5 14.05 16.46 6.10
CA ALA A 5 12.62 16.33 6.40
C ALA A 5 12.04 15.02 5.87
N PHE A 6 10.89 14.65 6.42
CA PHE A 6 10.18 13.49 5.91
C PHE A 6 9.79 13.68 4.43
N LYS A 7 9.86 12.59 3.67
CA LYS A 7 9.38 12.62 2.29
C LYS A 7 8.63 11.31 1.97
N PRO A 8 7.75 11.32 0.95
CA PRO A 8 7.02 10.11 0.54
C PRO A 8 8.01 8.97 0.32
N GLY A 9 7.69 7.78 0.84
CA GLY A 9 8.50 6.60 0.68
C GLY A 9 9.30 6.30 1.95
N ASP A 10 9.48 7.34 2.79
CA ASP A 10 10.17 7.06 4.05
C ASP A 10 9.40 6.02 4.90
N LEU A 11 10.16 5.13 5.57
CA LEU A 11 9.58 4.06 6.39
C LEU A 11 9.69 4.49 7.85
N VAL A 12 8.62 4.25 8.61
CA VAL A 12 8.58 4.72 10.00
C VAL A 12 7.83 3.72 10.87
N PHE A 13 7.97 3.90 12.18
CA PHE A 13 6.92 3.48 13.07
C PHE A 13 6.17 4.75 13.43
N ALA A 14 4.83 4.69 13.35
CA ALA A 14 3.97 5.85 13.60
C ALA A 14 3.13 5.61 14.85
N LYS A 15 3.08 6.64 15.72
CA LYS A 15 2.37 6.51 16.98
C LYS A 15 1.02 7.26 16.95
N MET A 16 -0.03 6.53 17.33
CA MET A 16 -1.37 7.05 17.56
C MET A 16 -1.76 6.67 18.98
N LYS A 17 -2.58 7.50 19.63
CA LYS A 17 -3.01 7.26 21.01
C LYS A 17 -3.78 5.96 21.06
N GLY A 18 -3.50 5.15 22.09
CA GLY A 18 -4.17 3.87 22.25
C GLY A 18 -3.58 2.74 21.41
N TYR A 19 -2.54 3.02 20.60
CA TYR A 19 -1.98 1.95 19.81
C TYR A 19 -0.48 1.90 19.99
N PRO A 20 0.13 0.71 19.80
CA PRO A 20 1.59 0.59 19.86
C PRO A 20 2.16 1.31 18.63
N HIS A 21 3.41 1.76 18.70
CA HIS A 21 4.14 2.25 17.54
C HIS A 21 4.01 1.25 16.40
N TRP A 22 3.56 1.73 15.22
CA TRP A 22 3.00 0.89 14.17
C TRP A 22 3.80 0.98 12.88
N PRO A 23 4.20 -0.15 12.22
CA PRO A 23 4.92 -0.05 10.94
C PRO A 23 4.09 0.75 9.92
N ALA A 24 4.72 1.72 9.26
CA ALA A 24 3.97 2.61 8.38
C ALA A 24 4.91 3.26 7.37
N ARG A 25 4.35 3.96 6.38
CA ARG A 25 5.20 4.71 5.48
C ARG A 25 4.60 6.10 5.28
N ILE A 26 5.46 7.05 4.91
CA ILE A 26 4.93 8.31 4.37
C ILE A 26 4.40 8.09 2.96
N ASP A 27 3.13 8.41 2.73
CA ASP A 27 2.54 8.17 1.42
C ASP A 27 2.69 9.37 0.50
N ASP A 28 2.57 9.10 -0.82
CA ASP A 28 2.40 10.16 -1.79
C ASP A 28 0.93 10.61 -1.71
N ILE A 29 0.62 11.79 -2.22
CA ILE A 29 -0.77 12.16 -2.39
C ILE A 29 -1.01 12.10 -3.90
N ALA A 30 -2.01 11.33 -4.35
CA ALA A 30 -2.30 11.24 -5.77
C ALA A 30 -2.88 12.57 -6.28
N ASP A 31 -2.67 12.85 -7.56
CA ASP A 31 -3.42 13.91 -8.21
C ASP A 31 -4.91 13.66 -7.96
N GLY A 32 -5.62 14.72 -7.57
CA GLY A 32 -7.07 14.75 -7.37
C GLY A 32 -7.45 14.32 -5.95
N ALA A 33 -6.47 13.83 -5.18
CA ALA A 33 -6.77 13.27 -3.87
C ALA A 33 -6.73 14.35 -2.77
N VAL A 34 -7.42 14.08 -1.65
CA VAL A 34 -7.53 15.00 -0.51
C VAL A 34 -6.15 15.23 0.09
N LYS A 35 -5.74 16.50 0.24
CA LYS A 35 -4.44 16.85 0.83
C LYS A 35 -4.49 16.82 2.36
N PRO A 36 -3.35 16.55 3.05
CA PRO A 36 -3.35 16.57 4.53
C PRO A 36 -3.43 18.02 5.01
N PRO A 37 -3.80 18.25 6.29
CA PRO A 37 -3.72 19.57 6.89
C PRO A 37 -2.28 20.04 6.85
N PRO A 38 -2.02 21.37 7.00
CA PRO A 38 -0.65 21.89 7.15
C PRO A 38 0.09 21.21 8.30
N ASN A 39 1.40 21.00 8.06
CA ASN A 39 2.35 20.42 8.98
C ASN A 39 2.11 18.93 9.20
N LYS A 40 1.13 18.33 8.47
CA LYS A 40 0.82 16.91 8.59
C LYS A 40 1.24 16.13 7.34
N TYR A 41 1.48 14.84 7.58
CA TYR A 41 1.87 13.92 6.53
C TYR A 41 0.78 12.87 6.38
N PRO A 42 0.57 12.33 5.16
CA PRO A 42 -0.29 11.14 5.04
C PRO A 42 0.48 9.89 5.42
N ILE A 43 -0.02 9.19 6.45
CA ILE A 43 0.70 8.02 6.92
C ILE A 43 -0.11 6.79 6.51
N PHE A 44 0.52 5.88 5.74
CA PHE A 44 -0.15 4.63 5.44
C PHE A 44 0.36 3.56 6.39
N PHE A 45 -0.57 2.90 7.13
CA PHE A 45 -0.23 1.95 8.18
C PHE A 45 -0.23 0.58 7.50
N PHE A 46 0.92 -0.11 7.61
CA PHE A 46 0.99 -1.44 7.05
C PHE A 46 0.09 -2.37 7.88
N GLY A 47 -0.37 -3.44 7.21
CA GLY A 47 -1.24 -4.44 7.80
C GLY A 47 -2.72 -4.03 7.79
N THR A 48 -3.06 -2.96 8.53
CA THR A 48 -4.41 -2.42 8.50
C THR A 48 -4.71 -1.74 7.16
N HIS A 49 -3.66 -1.16 6.56
CA HIS A 49 -3.86 -0.42 5.31
C HIS A 49 -4.72 0.83 5.51
N GLU A 50 -4.75 1.38 6.73
CA GLU A 50 -5.44 2.63 7.00
C GLU A 50 -4.49 3.81 6.82
N THR A 51 -5.08 4.98 6.57
CA THR A 51 -4.34 6.24 6.43
C THR A 51 -4.76 7.18 7.56
N ALA A 52 -3.78 7.83 8.18
CA ALA A 52 -4.08 8.93 9.10
C ALA A 52 -3.10 10.06 8.82
N PHE A 53 -3.41 11.26 9.31
CA PHE A 53 -2.54 12.40 9.12
C PHE A 53 -1.81 12.68 10.41
N LEU A 54 -0.46 12.66 10.34
CA LEU A 54 0.32 12.79 11.56
C LEU A 54 1.45 13.80 11.34
N GLY A 55 1.86 14.42 12.45
CA GLY A 55 3.04 15.27 12.40
C GLY A 55 4.29 14.50 12.84
N PRO A 56 5.49 15.08 12.61
CA PRO A 56 6.79 14.44 12.94
C PRO A 56 7.00 13.92 14.36
N LYS A 57 6.32 14.56 15.32
CA LYS A 57 6.41 14.13 16.71
C LYS A 57 5.96 12.67 16.89
N ASP A 58 5.14 12.15 15.98
CA ASP A 58 4.62 10.80 16.12
C ASP A 58 5.29 9.84 15.12
N LEU A 59 6.38 10.30 14.46
CA LEU A 59 7.02 9.54 13.39
C LEU A 59 8.43 9.15 13.80
N PHE A 60 8.67 7.83 13.88
CA PHE A 60 9.99 7.37 14.30
C PHE A 60 10.65 6.64 13.13
N PRO A 61 11.82 7.09 12.62
CA PRO A 61 12.44 6.38 11.47
C PRO A 61 12.60 4.88 11.70
N TYR A 62 12.27 4.05 10.68
CA TYR A 62 12.14 2.63 10.87
C TYR A 62 13.49 1.98 11.23
N ASP A 63 14.55 2.37 10.52
CA ASP A 63 15.84 1.70 10.71
C ASP A 63 16.30 1.90 12.15
N LYS A 64 16.30 3.16 12.62
CA LYS A 64 16.70 3.46 14.01
C LYS A 64 15.83 2.73 15.04
N SER A 65 14.54 2.48 14.76
CA SER A 65 13.58 2.14 15.82
C SER A 65 13.16 0.67 15.82
N LYS A 66 13.56 -0.10 14.80
CA LYS A 66 12.97 -1.43 14.60
C LYS A 66 13.34 -2.40 15.72
N ASP A 67 14.52 -2.20 16.32
N ASP A 67 14.54 -2.23 16.29
CA ASP A 67 14.98 -3.08 17.39
CA ASP A 67 14.95 -3.09 17.38
C ASP A 67 14.08 -2.93 18.62
C ASP A 67 13.91 -2.98 18.50
N LYS A 68 13.47 -1.76 18.77
CA LYS A 68 12.61 -1.46 19.89
C LYS A 68 11.16 -1.78 19.57
N TYR A 69 10.71 -1.48 18.34
CA TYR A 69 9.27 -1.48 18.10
C TYR A 69 8.85 -2.61 17.17
N GLY A 70 9.82 -3.25 16.54
CA GLY A 70 9.48 -4.24 15.51
C GLY A 70 9.39 -5.66 16.08
N LYS A 71 8.51 -5.89 17.05
CA LYS A 71 8.31 -7.18 17.66
C LYS A 71 6.84 -7.53 17.46
N PRO A 72 6.45 -8.82 17.36
CA PRO A 72 5.03 -9.16 17.22
C PRO A 72 4.16 -8.59 18.32
N ASN A 73 2.90 -8.32 17.99
CA ASN A 73 1.95 -7.66 18.87
C ASN A 73 0.62 -8.34 18.58
N LYS A 74 -0.26 -8.37 19.58
CA LYS A 74 -1.52 -9.06 19.48
C LYS A 74 -2.51 -8.33 18.56
N ARG A 75 -2.27 -7.03 18.34
CA ARG A 75 -3.26 -6.16 17.73
C ARG A 75 -3.53 -6.52 16.26
N LYS A 76 -4.81 -6.37 15.85
CA LYS A 76 -5.24 -6.72 14.50
C LYS A 76 -4.37 -6.00 13.48
N GLY A 77 -3.67 -6.79 12.63
CA GLY A 77 -3.04 -6.23 11.45
C GLY A 77 -1.55 -6.00 11.67
N PHE A 78 -1.12 -6.06 12.93
CA PHE A 78 0.22 -5.64 13.31
C PHE A 78 1.31 -6.52 12.67
N ASN A 79 1.17 -7.84 12.82
CA ASN A 79 2.16 -8.80 12.34
C ASN A 79 2.21 -8.80 10.81
N GLU A 80 1.04 -8.70 10.16
CA GLU A 80 1.01 -8.54 8.72
C GLU A 80 1.80 -7.29 8.37
N GLY A 81 1.58 -6.25 9.18
CA GLY A 81 2.28 -4.98 8.92
C GLY A 81 3.80 -5.15 9.02
N LEU A 82 4.29 -5.97 9.98
CA LEU A 82 5.73 -6.15 10.09
C LEU A 82 6.29 -6.82 8.83
N TRP A 83 5.47 -7.70 8.22
CA TRP A 83 5.97 -8.45 7.07
C TRP A 83 6.08 -7.45 5.92
N GLU A 84 5.05 -6.60 5.80
CA GLU A 84 4.97 -5.65 4.70
C GLU A 84 6.16 -4.70 4.76
N ILE A 85 6.41 -4.13 5.94
CA ILE A 85 7.43 -3.09 5.98
C ILE A 85 8.81 -3.70 5.69
N GLN A 86 8.99 -4.99 6.04
CA GLN A 86 10.30 -5.64 5.86
C GLN A 86 10.47 -6.13 4.42
N ASN A 87 9.36 -6.59 3.81
CA ASN A 87 9.42 -7.40 2.60
C ASN A 87 8.98 -6.68 1.32
N ASN A 88 7.98 -5.79 1.39
CA ASN A 88 7.53 -5.04 0.21
C ASN A 88 6.96 -3.70 0.66
N PRO A 89 7.78 -2.82 1.31
CA PRO A 89 7.27 -1.57 1.86
C PRO A 89 6.79 -0.55 0.83
N HIS A 90 7.14 -0.70 -0.46
CA HIS A 90 6.80 0.30 -1.44
C HIS A 90 5.77 -0.21 -2.46
N ALA A 91 5.06 -1.31 -2.11
CA ALA A 91 4.14 -1.93 -3.05
C ALA A 91 2.80 -1.22 -2.96
N SER A 92 1.96 -1.46 -3.98
CA SER A 92 0.60 -0.99 -3.94
C SER A 92 -0.20 -1.93 -3.04
N TYR A 93 -0.89 -1.36 -2.03
CA TYR A 93 -1.69 -2.17 -1.14
C TYR A 93 -3.18 -1.81 -1.29
N SER A 94 -3.50 -1.00 -2.30
CA SER A 94 -4.88 -0.76 -2.74
C SER A 94 -5.61 -2.10 -2.88
N MET B 2 -14.81 17.72 -38.96
CA MET B 2 -16.22 18.11 -38.74
C MET B 2 -16.30 18.87 -37.41
N PRO B 3 -16.83 20.13 -37.39
CA PRO B 3 -17.04 20.84 -36.12
C PRO B 3 -17.97 20.01 -35.26
N HIS B 4 -17.73 19.98 -33.94
CA HIS B 4 -18.61 19.27 -33.02
C HIS B 4 -19.24 20.26 -32.05
N ALA B 5 -20.15 19.76 -31.19
CA ALA B 5 -20.73 20.61 -30.16
C ALA B 5 -19.62 21.31 -29.38
N PHE B 6 -18.61 20.51 -29.02
CA PHE B 6 -17.40 21.00 -28.36
C PHE B 6 -16.26 21.02 -29.38
N LYS B 7 -15.52 22.14 -29.38
CA LYS B 7 -14.37 22.31 -30.25
C LYS B 7 -13.10 22.44 -29.41
N PRO B 8 -11.93 22.08 -29.99
CA PRO B 8 -10.64 22.18 -29.30
C PRO B 8 -10.43 23.59 -28.76
N GLY B 9 -10.02 23.67 -27.50
CA GLY B 9 -9.81 24.94 -26.80
C GLY B 9 -11.02 25.41 -26.00
N ASP B 10 -12.19 24.77 -26.18
CA ASP B 10 -13.32 25.12 -25.33
C ASP B 10 -12.99 24.80 -23.86
N LEU B 11 -13.39 25.67 -22.95
CA LEU B 11 -13.10 25.51 -21.53
C LEU B 11 -14.32 24.91 -20.85
N VAL B 12 -14.10 24.01 -19.89
CA VAL B 12 -15.21 23.28 -19.26
C VAL B 12 -14.85 23.00 -17.82
N PHE B 13 -15.83 22.50 -17.06
CA PHE B 13 -15.51 21.59 -15.96
C PHE B 13 -15.85 20.17 -16.39
N ALA B 14 -14.97 19.21 -16.05
CA ALA B 14 -15.13 17.83 -16.44
C ALA B 14 -15.31 16.97 -15.19
N LYS B 15 -16.23 16.01 -15.27
CA LYS B 15 -16.61 15.26 -14.08
C LYS B 15 -16.11 13.83 -14.23
N MET B 16 -15.29 13.41 -13.25
CA MET B 16 -14.83 12.03 -13.12
C MET B 16 -15.44 11.46 -11.83
N LYS B 17 -15.87 10.20 -11.88
CA LYS B 17 -16.31 9.52 -10.67
C LYS B 17 -15.26 9.69 -9.54
N GLY B 18 -15.74 10.08 -8.36
CA GLY B 18 -14.87 10.21 -7.20
C GLY B 18 -14.23 11.60 -7.05
N TYR B 19 -14.45 12.52 -8.03
CA TYR B 19 -13.77 13.80 -7.94
C TYR B 19 -14.77 14.95 -8.18
N PRO B 20 -14.51 16.18 -7.68
CA PRO B 20 -15.37 17.32 -7.98
C PRO B 20 -15.22 17.71 -9.45
N HIS B 21 -16.28 18.28 -10.04
CA HIS B 21 -16.21 18.92 -11.37
C HIS B 21 -14.90 19.70 -11.51
N TRP B 22 -14.11 19.39 -12.56
CA TRP B 22 -12.70 19.75 -12.52
C TRP B 22 -12.39 20.76 -13.65
N PRO B 23 -11.69 21.91 -13.42
CA PRO B 23 -11.43 22.84 -14.53
C PRO B 23 -10.63 22.11 -15.62
N ALA B 24 -11.04 22.23 -16.88
CA ALA B 24 -10.43 21.43 -17.93
C ALA B 24 -10.62 22.12 -19.29
N ARG B 25 -9.99 21.53 -20.30
CA ARG B 25 -10.18 22.01 -21.67
C ARG B 25 -10.39 20.82 -22.61
N ILE B 26 -11.07 21.10 -23.74
CA ILE B 26 -11.04 20.15 -24.83
C ILE B 26 -9.74 20.35 -25.58
N ASP B 27 -9.04 19.24 -25.85
CA ASP B 27 -7.78 19.19 -26.59
C ASP B 27 -8.00 18.76 -28.05
N ASP B 28 -7.01 19.02 -28.91
CA ASP B 28 -6.92 18.49 -30.26
C ASP B 28 -6.54 17.01 -30.26
N ILE B 29 -6.43 16.41 -31.45
CA ILE B 29 -5.99 15.03 -31.61
C ILE B 29 -4.80 15.00 -32.58
N LYS B 35 -7.04 7.93 -30.90
CA LYS B 35 -8.29 8.68 -31.14
C LYS B 35 -9.34 8.34 -30.07
N PRO B 36 -10.21 9.30 -29.65
CA PRO B 36 -11.21 9.03 -28.60
C PRO B 36 -12.18 7.92 -28.99
N PRO B 37 -12.76 7.16 -28.04
CA PRO B 37 -13.85 6.24 -28.38
C PRO B 37 -14.98 7.08 -28.97
N PRO B 38 -15.94 6.48 -29.72
CA PRO B 38 -17.08 7.25 -30.26
C PRO B 38 -17.81 8.08 -29.21
N ASN B 39 -18.20 9.31 -29.58
CA ASN B 39 -19.02 10.19 -28.73
C ASN B 39 -18.19 10.93 -27.67
N LYS B 40 -16.88 10.67 -27.58
CA LYS B 40 -16.08 11.19 -26.49
C LYS B 40 -15.02 12.14 -27.03
N TYR B 41 -14.52 13.01 -26.14
CA TYR B 41 -13.54 14.03 -26.47
C TYR B 41 -12.28 13.85 -25.62
N PRO B 42 -11.10 14.30 -26.14
CA PRO B 42 -9.87 14.33 -25.36
C PRO B 42 -9.97 15.51 -24.39
N ILE B 43 -9.90 15.18 -23.10
CA ILE B 43 -9.92 16.19 -22.04
C ILE B 43 -8.54 16.37 -21.41
N PHE B 44 -8.18 17.64 -21.13
CA PHE B 44 -6.97 17.97 -20.40
C PHE B 44 -7.41 18.67 -19.11
N PHE B 45 -7.00 18.13 -17.95
CA PHE B 45 -7.39 18.63 -16.64
C PHE B 45 -6.30 19.57 -16.17
N PHE B 46 -6.69 20.83 -15.94
CA PHE B 46 -5.75 21.83 -15.47
C PHE B 46 -5.27 21.46 -14.06
N GLY B 47 -4.07 21.93 -13.73
CA GLY B 47 -3.58 21.75 -12.38
C GLY B 47 -2.86 20.41 -12.31
N THR B 48 -3.61 19.31 -12.46
CA THR B 48 -3.06 17.96 -12.49
C THR B 48 -2.31 17.70 -13.79
N HIS B 49 -2.77 18.34 -14.87
CA HIS B 49 -2.32 18.07 -16.24
C HIS B 49 -2.55 16.62 -16.63
N GLU B 50 -3.56 15.97 -16.03
CA GLU B 50 -3.95 14.63 -16.45
C GLU B 50 -4.83 14.70 -17.71
N THR B 51 -5.02 13.54 -18.35
CA THR B 51 -5.90 13.43 -19.52
C THR B 51 -6.87 12.26 -19.36
N ALA B 52 -8.05 12.41 -19.98
CA ALA B 52 -8.96 11.29 -20.14
C ALA B 52 -9.89 11.56 -21.32
N PHE B 53 -10.63 10.52 -21.71
CA PHE B 53 -11.67 10.68 -22.71
C PHE B 53 -13.02 10.77 -22.01
N LEU B 54 -13.78 11.83 -22.29
CA LEU B 54 -15.09 11.99 -21.68
C LEU B 54 -16.15 12.30 -22.75
N GLY B 55 -17.38 11.86 -22.45
CA GLY B 55 -18.60 12.19 -23.19
C GLY B 55 -19.26 13.47 -22.68
N PRO B 56 -20.11 14.11 -23.51
CA PRO B 56 -20.81 15.32 -23.10
C PRO B 56 -21.52 15.31 -21.75
N LYS B 57 -21.98 14.16 -21.25
CA LYS B 57 -22.79 14.19 -20.04
C LYS B 57 -21.93 14.70 -18.88
N ASP B 58 -20.60 14.58 -19.06
CA ASP B 58 -19.64 14.86 -18.01
C ASP B 58 -18.90 16.17 -18.30
N LEU B 59 -19.41 16.93 -19.28
CA LEU B 59 -18.72 18.15 -19.73
C LEU B 59 -19.60 19.37 -19.55
N PHE B 60 -19.12 20.32 -18.74
CA PHE B 60 -19.94 21.45 -18.36
C PHE B 60 -19.27 22.71 -18.90
N PRO B 61 -19.83 23.42 -19.90
CA PRO B 61 -19.25 24.68 -20.35
C PRO B 61 -18.83 25.62 -19.21
N TYR B 62 -17.59 26.13 -19.28
CA TYR B 62 -16.95 26.82 -18.18
C TYR B 62 -17.69 28.08 -17.75
N ASP B 63 -18.09 28.90 -18.75
CA ASP B 63 -18.79 30.16 -18.50
C ASP B 63 -20.11 29.96 -17.76
N LYS B 64 -20.96 29.09 -18.29
CA LYS B 64 -22.22 28.78 -17.63
C LYS B 64 -21.99 28.33 -16.19
N SER B 65 -20.90 27.62 -15.93
CA SER B 65 -20.88 26.85 -14.68
C SER B 65 -19.81 27.28 -13.66
N LYS B 66 -19.08 28.38 -13.93
CA LYS B 66 -17.93 28.69 -13.10
C LYS B 66 -18.33 29.13 -11.69
N ASP B 67 -19.49 29.75 -11.51
CA ASP B 67 -19.71 30.22 -10.16
C ASP B 67 -20.17 29.06 -9.28
N LYS B 68 -20.71 28.01 -9.92
CA LYS B 68 -21.14 26.82 -9.20
C LYS B 68 -19.94 25.92 -8.88
N TYR B 69 -19.08 25.64 -9.87
CA TYR B 69 -18.06 24.60 -9.76
C TYR B 69 -16.67 25.19 -9.53
N GLY B 70 -16.52 26.51 -9.68
CA GLY B 70 -15.17 27.05 -9.68
C GLY B 70 -14.70 27.56 -8.30
N LYS B 71 -15.02 26.83 -7.23
CA LYS B 71 -14.64 27.20 -5.87
C LYS B 71 -13.44 26.38 -5.44
N PRO B 72 -12.47 26.98 -4.70
CA PRO B 72 -11.33 26.21 -4.20
C PRO B 72 -11.77 25.06 -3.30
N ASN B 73 -10.96 23.98 -3.29
CA ASN B 73 -11.15 22.86 -2.40
C ASN B 73 -9.77 22.32 -2.01
N LYS B 74 -9.73 21.20 -1.30
CA LYS B 74 -8.48 20.66 -0.79
C LYS B 74 -7.95 19.51 -1.65
N ARG B 75 -8.47 19.32 -2.88
CA ARG B 75 -7.94 18.26 -3.73
C ARG B 75 -6.66 18.73 -4.42
N LYS B 76 -5.64 17.85 -4.41
CA LYS B 76 -4.34 18.13 -5.00
C LYS B 76 -4.48 18.48 -6.48
N GLY B 77 -3.99 19.68 -6.80
CA GLY B 77 -3.97 20.16 -8.18
C GLY B 77 -5.20 20.98 -8.54
N PHE B 78 -6.27 20.96 -7.72
CA PHE B 78 -7.49 21.70 -8.06
C PHE B 78 -7.28 23.21 -8.06
N ASN B 79 -6.71 23.78 -7.00
CA ASN B 79 -6.60 25.24 -6.99
C ASN B 79 -5.58 25.71 -8.05
N GLU B 80 -4.56 24.90 -8.33
CA GLU B 80 -3.66 25.25 -9.41
C GLU B 80 -4.44 25.26 -10.73
N GLY B 81 -5.37 24.30 -10.86
CA GLY B 81 -6.20 24.17 -12.05
C GLY B 81 -7.11 25.39 -12.23
N LEU B 82 -7.61 25.90 -11.11
CA LEU B 82 -8.41 27.12 -11.17
C LEU B 82 -7.53 28.27 -11.67
N TRP B 83 -6.27 28.30 -11.23
CA TRP B 83 -5.33 29.35 -11.64
C TRP B 83 -5.12 29.31 -13.15
N GLU B 84 -4.90 28.09 -13.68
CA GLU B 84 -4.56 27.89 -15.08
C GLU B 84 -5.74 28.23 -15.98
N ILE B 85 -6.95 27.79 -15.62
CA ILE B 85 -8.09 27.98 -16.51
C ILE B 85 -8.39 29.47 -16.61
N GLN B 86 -8.12 30.18 -15.52
CA GLN B 86 -8.29 31.62 -15.47
C GLN B 86 -7.18 32.37 -16.23
N ASN B 87 -5.93 31.96 -16.09
CA ASN B 87 -4.86 32.90 -16.43
C ASN B 87 -4.12 32.51 -17.71
N ASN B 88 -4.15 31.21 -18.04
CA ASN B 88 -3.47 30.74 -19.24
C ASN B 88 -4.03 29.39 -19.70
N PRO B 89 -5.34 29.38 -20.07
CA PRO B 89 -6.02 28.13 -20.42
C PRO B 89 -5.51 27.43 -21.67
N HIS B 90 -4.83 28.21 -22.56
CA HIS B 90 -4.47 27.68 -23.86
C HIS B 90 -2.97 27.36 -23.95
N ALA B 91 -2.24 27.43 -22.82
CA ALA B 91 -0.81 27.16 -22.80
C ALA B 91 -0.45 25.69 -23.05
N SER B 92 0.81 25.46 -23.47
CA SER B 92 1.41 24.15 -23.43
C SER B 92 1.82 23.82 -21.99
N TYR B 93 1.32 22.69 -21.48
CA TYR B 93 1.59 22.14 -20.16
C TYR B 93 2.46 20.90 -20.31
N SER B 94 3.05 20.74 -21.50
CA SER B 94 3.97 19.65 -21.81
C SER B 94 4.90 19.39 -20.63
N HIS C 4 15.24 -34.06 -1.49
CA HIS C 4 16.11 -33.16 -0.68
C HIS C 4 16.63 -33.94 0.53
N ALA C 5 17.07 -33.21 1.57
CA ALA C 5 17.48 -33.79 2.84
C ALA C 5 17.37 -32.76 3.96
N PHE C 6 16.88 -33.20 5.12
CA PHE C 6 16.57 -32.27 6.18
C PHE C 6 17.24 -32.74 7.46
N LYS C 7 18.08 -31.89 8.05
CA LYS C 7 18.68 -32.15 9.36
C LYS C 7 17.93 -31.28 10.36
N PRO C 8 18.00 -31.52 11.68
CA PRO C 8 17.38 -30.60 12.66
C PRO C 8 17.84 -29.16 12.50
N GLY C 9 16.91 -28.21 12.63
CA GLY C 9 17.21 -26.78 12.60
C GLY C 9 16.90 -26.13 11.25
N ASP C 10 16.86 -26.95 10.19
CA ASP C 10 16.54 -26.55 8.83
C ASP C 10 15.17 -25.89 8.80
N LEU C 11 15.09 -24.71 8.18
CA LEU C 11 13.87 -23.93 8.12
C LEU C 11 13.11 -24.29 6.85
N VAL C 12 11.78 -24.44 6.96
CA VAL C 12 10.98 -24.92 5.85
C VAL C 12 9.62 -24.21 5.86
N PHE C 13 8.84 -24.44 4.79
CA PHE C 13 7.38 -24.41 4.83
C PHE C 13 6.86 -25.85 4.82
N ALA C 14 5.89 -26.12 5.71
CA ALA C 14 5.37 -27.45 5.96
C ALA C 14 3.88 -27.47 5.62
N LYS C 15 3.46 -28.41 4.76
CA LYS C 15 2.07 -28.44 4.32
C LYS C 15 1.34 -29.57 5.02
N MET C 16 0.28 -29.23 5.77
CA MET C 16 -0.66 -30.23 6.28
C MET C 16 -2.01 -30.06 5.59
N LYS C 17 -2.80 -31.15 5.54
CA LYS C 17 -4.15 -31.04 5.01
C LYS C 17 -4.95 -30.06 5.87
N GLY C 18 -5.60 -29.11 5.20
CA GLY C 18 -6.48 -28.20 5.93
C GLY C 18 -5.83 -26.84 6.20
N TYR C 19 -4.57 -26.65 5.77
CA TYR C 19 -3.77 -25.49 6.17
C TYR C 19 -2.87 -25.07 5.03
N PRO C 20 -2.60 -23.75 4.89
CA PRO C 20 -1.69 -23.26 3.86
C PRO C 20 -0.28 -23.72 4.22
N HIS C 21 0.62 -23.74 3.23
CA HIS C 21 2.03 -23.99 3.50
C HIS C 21 2.50 -23.07 4.62
N TRP C 22 3.10 -23.66 5.68
CA TRP C 22 3.25 -22.94 6.94
C TRP C 22 4.72 -22.82 7.32
N PRO C 23 5.21 -21.64 7.80
CA PRO C 23 6.62 -21.50 8.19
C PRO C 23 6.92 -22.39 9.38
N ALA C 24 8.05 -23.10 9.29
CA ALA C 24 8.33 -24.18 10.25
C ALA C 24 9.83 -24.48 10.25
N ARG C 25 10.27 -25.30 11.22
CA ARG C 25 11.60 -25.89 11.16
C ARG C 25 11.56 -27.39 11.48
N ILE C 26 12.62 -28.10 11.08
CA ILE C 26 12.87 -29.49 11.49
C ILE C 26 13.41 -29.48 12.92
N ASP C 27 12.73 -30.24 13.79
CA ASP C 27 13.13 -30.51 15.18
C ASP C 27 14.04 -31.74 15.24
N ASP C 28 14.80 -31.87 16.33
CA ASP C 28 15.62 -33.05 16.61
C ASP C 28 14.75 -34.07 17.36
N ALA C 33 12.52 -40.67 23.57
CA ALA C 33 11.19 -40.21 23.09
C ALA C 33 10.59 -41.24 22.13
N VAL C 34 9.30 -41.09 21.83
CA VAL C 34 8.63 -41.92 20.84
C VAL C 34 9.10 -41.49 19.45
N LYS C 35 9.54 -42.48 18.66
CA LYS C 35 10.16 -42.22 17.37
C LYS C 35 9.07 -41.75 16.40
N PRO C 36 9.45 -40.97 15.36
CA PRO C 36 8.49 -40.61 14.31
C PRO C 36 7.83 -41.87 13.76
N PRO C 37 6.67 -41.75 13.08
CA PRO C 37 6.24 -42.82 12.20
C PRO C 37 7.38 -42.96 11.20
N PRO C 38 7.50 -44.12 10.52
CA PRO C 38 8.55 -44.33 9.52
C PRO C 38 8.56 -43.21 8.49
N ASN C 39 9.77 -42.68 8.25
CA ASN C 39 10.10 -41.74 7.18
C ASN C 39 9.48 -40.37 7.44
N LYS C 40 9.14 -40.07 8.71
CA LYS C 40 8.60 -38.75 8.99
C LYS C 40 9.57 -37.93 9.83
N TYR C 41 9.55 -36.61 9.64
CA TYR C 41 10.33 -35.67 10.42
C TYR C 41 9.47 -35.00 11.49
N PRO C 42 10.09 -34.64 12.64
CA PRO C 42 9.42 -33.85 13.68
C PRO C 42 9.48 -32.41 13.17
N ILE C 43 8.28 -31.79 13.12
CA ILE C 43 8.16 -30.42 12.63
C ILE C 43 7.71 -29.53 13.78
N PHE C 44 8.29 -28.33 13.85
CA PHE C 44 7.80 -27.30 14.74
C PHE C 44 7.32 -26.15 13.86
N PHE C 45 6.08 -25.69 14.12
CA PHE C 45 5.40 -24.66 13.37
C PHE C 45 5.59 -23.33 14.10
N PHE C 46 6.19 -22.36 13.38
CA PHE C 46 6.29 -21.02 13.95
C PHE C 46 4.90 -20.38 14.09
N GLY C 47 4.81 -19.41 15.02
CA GLY C 47 3.57 -18.69 15.20
C GLY C 47 2.66 -19.47 16.14
N THR C 48 2.21 -20.65 15.70
CA THR C 48 1.35 -21.44 16.58
C THR C 48 2.21 -22.14 17.62
N HIS C 49 3.47 -22.45 17.27
CA HIS C 49 4.38 -23.19 18.13
C HIS C 49 3.88 -24.61 18.44
N GLU C 50 3.14 -25.21 17.51
CA GLU C 50 2.74 -26.60 17.67
C GLU C 50 3.68 -27.54 16.90
N THR C 51 3.46 -28.85 17.07
CA THR C 51 4.34 -29.88 16.49
C THR C 51 3.48 -30.93 15.79
N ALA C 52 4.08 -31.56 14.77
CA ALA C 52 3.52 -32.69 14.05
C ALA C 52 4.67 -33.43 13.40
N PHE C 53 4.37 -34.62 12.87
CA PHE C 53 5.29 -35.44 12.09
C PHE C 53 4.84 -35.33 10.64
N LEU C 54 5.79 -35.05 9.73
CA LEU C 54 5.47 -34.91 8.32
C LEU C 54 6.55 -35.58 7.50
N GLY C 55 6.13 -36.09 6.33
CA GLY C 55 7.01 -36.70 5.36
C GLY C 55 7.64 -35.66 4.43
N PRO C 56 8.73 -36.04 3.73
CA PRO C 56 9.50 -35.08 2.94
C PRO C 56 8.70 -34.38 1.84
N LYS C 57 7.69 -35.08 1.34
CA LYS C 57 6.84 -34.55 0.27
C LYS C 57 6.12 -33.29 0.76
N ASP C 58 5.92 -33.17 2.09
CA ASP C 58 5.11 -32.10 2.65
C ASP C 58 5.97 -30.90 3.03
N LEU C 59 7.26 -30.95 2.69
CA LEU C 59 8.22 -30.00 3.25
C LEU C 59 8.93 -29.26 2.12
N PHE C 60 9.30 -27.99 2.37
CA PHE C 60 9.88 -27.11 1.35
C PHE C 60 10.97 -26.23 1.96
N PRO C 61 12.24 -26.32 1.48
CA PRO C 61 13.31 -25.48 2.03
C PRO C 61 12.88 -24.01 1.95
N TYR C 62 13.05 -23.29 3.07
CA TYR C 62 12.53 -21.95 3.27
C TYR C 62 13.08 -20.98 2.21
N ASP C 63 14.40 -20.83 2.19
CA ASP C 63 15.06 -19.94 1.24
C ASP C 63 14.61 -20.22 -0.19
N LYS C 64 14.47 -21.49 -0.56
CA LYS C 64 14.10 -21.87 -1.91
C LYS C 64 12.65 -21.47 -2.22
N SER C 65 11.77 -21.49 -1.19
CA SER C 65 10.34 -21.40 -1.51
C SER C 65 9.66 -20.17 -0.92
N LYS C 66 10.37 -19.33 -0.17
CA LYS C 66 9.74 -18.21 0.51
C LYS C 66 9.09 -17.24 -0.48
N ASP C 67 9.69 -17.05 -1.67
CA ASP C 67 9.10 -16.13 -2.65
C ASP C 67 7.65 -16.55 -2.95
N LYS C 68 7.38 -17.86 -2.87
CA LYS C 68 6.07 -18.41 -3.16
C LYS C 68 5.19 -18.50 -1.89
N TYR C 69 5.74 -18.97 -0.77
CA TYR C 69 4.87 -19.25 0.39
C TYR C 69 4.98 -18.18 1.48
N GLY C 70 6.05 -17.38 1.46
CA GLY C 70 6.25 -16.41 2.53
C GLY C 70 5.52 -15.13 2.19
N LYS C 71 4.19 -15.18 2.36
CA LYS C 71 3.30 -14.07 2.08
C LYS C 71 2.21 -14.15 3.14
N PRO C 72 1.70 -13.01 3.65
CA PRO C 72 0.77 -13.04 4.76
C PRO C 72 -0.50 -13.80 4.41
N ASN C 73 -1.15 -14.30 5.45
CA ASN C 73 -2.54 -14.67 5.31
C ASN C 73 -3.17 -14.61 6.70
N LYS C 74 -4.49 -14.83 6.74
CA LYS C 74 -5.23 -14.45 7.94
C LYS C 74 -5.35 -15.63 8.91
N ARG C 75 -4.82 -16.81 8.53
CA ARG C 75 -4.94 -17.97 9.41
C ARG C 75 -4.21 -17.72 10.73
N LYS C 76 -4.78 -18.26 11.82
CA LYS C 76 -4.33 -17.94 13.17
C LYS C 76 -2.85 -18.28 13.35
N GLY C 77 -2.08 -17.28 13.83
CA GLY C 77 -0.68 -17.47 14.17
C GLY C 77 0.25 -17.36 12.96
N PHE C 78 -0.30 -17.20 11.74
CA PHE C 78 0.50 -17.35 10.54
C PHE C 78 1.52 -16.20 10.42
N ASN C 79 1.05 -14.97 10.63
CA ASN C 79 1.87 -13.80 10.39
C ASN C 79 2.94 -13.66 11.46
N GLU C 80 2.61 -14.05 12.69
CA GLU C 80 3.67 -14.11 13.70
C GLU C 80 4.66 -15.20 13.31
N GLY C 81 4.17 -16.34 12.79
CA GLY C 81 5.08 -17.35 12.26
C GLY C 81 6.03 -16.79 11.21
N LEU C 82 5.51 -15.99 10.27
CA LEU C 82 6.36 -15.36 9.25
C LEU C 82 7.43 -14.48 9.89
N TRP C 83 7.07 -13.78 10.97
CA TRP C 83 8.05 -12.94 11.66
C TRP C 83 9.19 -13.79 12.24
N GLU C 84 8.82 -14.85 12.98
CA GLU C 84 9.76 -15.77 13.60
C GLU C 84 10.72 -16.41 12.60
N ILE C 85 10.23 -16.93 11.45
CA ILE C 85 11.08 -17.66 10.52
C ILE C 85 12.15 -16.75 9.89
N GLN C 86 11.87 -15.45 9.80
CA GLN C 86 12.77 -14.48 9.17
C GLN C 86 13.68 -13.83 10.21
N ASN C 87 13.17 -13.66 11.43
CA ASN C 87 13.80 -12.76 12.39
C ASN C 87 14.37 -13.51 13.60
N ASN C 88 13.85 -14.72 13.91
CA ASN C 88 14.24 -15.36 15.16
C ASN C 88 14.05 -16.87 15.05
N PRO C 89 14.58 -17.53 13.99
CA PRO C 89 14.15 -18.89 13.66
C PRO C 89 14.62 -19.97 14.64
N HIS C 90 15.62 -19.64 15.46
CA HIS C 90 16.23 -20.65 16.32
C HIS C 90 16.08 -20.32 17.81
N ALA C 91 15.14 -19.44 18.16
CA ALA C 91 14.81 -19.23 19.56
C ALA C 91 13.98 -20.38 20.13
N SER C 92 13.69 -20.31 21.44
CA SER C 92 13.12 -21.40 22.22
C SER C 92 11.64 -21.63 21.91
N TYR C 93 10.79 -20.68 22.33
CA TYR C 93 9.34 -20.79 22.22
C TYR C 93 8.85 -22.01 23.01
S SO4 D . -7.88 -5.17 18.51
O1 SO4 D . -9.12 -5.09 17.79
O2 SO4 D . -6.99 -4.12 18.06
O3 SO4 D . -8.15 -5.00 19.92
O4 SO4 D . -7.26 -6.45 18.27
S SO4 E . -1.00 5.12 24.65
O1 SO4 E . -1.52 5.91 23.58
O2 SO4 E . 0.43 5.06 24.57
O3 SO4 E . -1.39 5.73 25.90
O4 SO4 E . -1.53 3.79 24.59
C1 EDO F . -1.48 1.82 -0.60
O1 EDO F . -0.81 1.55 -1.83
C2 EDO F . -1.80 3.26 -0.42
O2 EDO F . -0.66 4.06 -0.43
S SO4 G . -1.81 -9.88 11.96
O1 SO4 G . -1.72 -9.50 10.59
O2 SO4 G . -3.17 -9.71 12.43
O3 SO4 G . -1.43 -11.27 12.08
O4 SO4 G . -0.95 -9.05 12.75
S SO4 H . -2.81 22.88 -5.58
O1 SO4 H . -3.42 22.78 -6.87
O2 SO4 H . -3.64 23.68 -4.70
O3 SO4 H . -2.64 21.55 -4.93
O4 SO4 H . -1.50 23.50 -5.81
S SO4 I . -18.88 11.05 -7.00
O1 SO4 I . -18.09 10.50 -8.07
O2 SO4 I . -20.28 10.75 -7.26
O3 SO4 I . -18.48 10.47 -5.76
O4 SO4 I . -18.69 12.48 -6.93
N1 UUY J . -7.78 11.09 -13.08
C4 UUY J . -8.28 12.90 -14.59
C5 UUY J . -7.77 12.16 -15.65
C6 UUY J . -7.27 10.89 -15.43
C7 UUY J . -7.29 10.40 -14.13
N UUY J . -8.77 13.03 -12.15
C UUY J . -8.25 12.64 -10.85
O UUY J . -7.07 15.25 -12.93
C1 UUY J . -9.22 14.40 -12.22
C2 UUY J . -8.09 15.39 -11.95
C3 UUY J . -8.26 12.32 -13.32
C1 EDO K . -1.20 -24.84 11.75
O1 EDO K . -2.09 -24.13 12.59
C2 EDO K . 0.20 -24.67 12.20
O2 EDO K . 0.36 -25.06 13.54
S SO4 L . -5.13 -29.25 -0.21
O1 SO4 L . -4.94 -29.02 -1.62
O2 SO4 L . -4.57 -28.16 0.54
O3 SO4 L . -6.54 -29.35 0.08
O4 SO4 L . -4.48 -30.48 0.16
#